data_5UDE
#
_entry.id   5UDE
#
_cell.length_a   170.430
_cell.length_b   170.430
_cell.length_c   170.430
_cell.angle_alpha   90.000
_cell.angle_beta   90.000
_cell.angle_gamma   90.000
#
_symmetry.space_group_name_H-M   'P 41 3 2'
#
loop_
_entity.id
_entity.type
_entity.pdbx_description
1 polymer 'Fusion glycoprotein F0'
2 non-polymer 'SULFATE ION'
#
_entity_poly.entity_id   1
_entity_poly.type   'polypeptide(L)'
_entity_poly.pdbx_seq_one_letter_code
;MELLIHRSSAIFLTLAINALYLTSSQNITEEFYQSTCSAVSRGYFSALRTGWYTSVITIELSNIKETKCNGTDTKVKLIK
QELDKYKNAVTELQLLTQNTPAANNRARREAPQYMNYTINTTKNLNVSISKKRKRRFLGFLLGVGSAIASGIAVCKVLHL
EGEVNKIKNALLSTNKAVVSLSNGVSVLTFKVLDLKSYINNQLLPILNQQSCRISNIETVIEFQQKNSRLLEITREFSVN
AGVTTPLSTYMLTNSELLSLINDMPITNDQKKLMSSNVQIVRQQSYSIMCIIKEEVLAYVVQLPIYGVIDTPCWKLHTSP
LCTTNIKEGSNICLTRTDRGWYCDNAGSVSFFPQADTCKVQSNRVFCDTMNSLTLPSEVSLCNTDIFNSKYDCKIMTSKT
DISSSVITSLGAIVSCYGKTKCTASNKNRGIIKTFSNGCDYVSNKGVDTVSVGNTLYYVNKLEGKNLYVKGEPIINYYDP
LVFPSDEFDASISQVNEKINQSLAFIRRSDELLSAIGGYIPEAPRDGQAYVRKDGEWVLLSTFLGGLVPRGSHHHHHHSA
WSHPQFEK
;
_entity_poly.pdbx_strand_id   F
#
# COMPACT_ATOMS: atom_id res chain seq x y z
N GLN A 26 -17.44 10.34 4.98
CA GLN A 26 -18.36 11.48 5.00
C GLN A 26 -19.49 11.29 3.99
N ASN A 27 -19.68 12.26 3.10
CA ASN A 27 -20.82 12.26 2.18
C ASN A 27 -20.60 11.15 1.15
N ILE A 28 -20.91 9.92 1.54
CA ILE A 28 -20.71 8.74 0.71
C ILE A 28 -22.07 8.17 0.31
N THR A 29 -22.19 7.82 -0.97
CA THR A 29 -23.43 7.28 -1.53
C THR A 29 -23.12 6.00 -2.30
N GLU A 30 -24.15 5.15 -2.44
CA GLU A 30 -23.95 3.85 -3.06
C GLU A 30 -25.18 3.46 -3.85
N GLU A 31 -24.95 2.94 -5.06
CA GLU A 31 -26.02 2.47 -5.92
C GLU A 31 -25.81 0.99 -6.22
N PHE A 32 -26.89 0.22 -6.13
CA PHE A 32 -26.90 -1.17 -6.52
C PHE A 32 -27.71 -1.34 -7.79
N TYR A 33 -27.19 -2.13 -8.73
CA TYR A 33 -27.82 -2.33 -10.03
C TYR A 33 -28.34 -3.76 -10.09
N GLN A 34 -29.64 -3.92 -9.88
CA GLN A 34 -30.22 -5.25 -9.88
C GLN A 34 -29.96 -5.97 -11.21
N SER A 35 -29.84 -5.22 -12.30
CA SER A 35 -29.72 -5.84 -13.62
C SER A 35 -28.37 -6.51 -13.83
N THR A 36 -27.29 -5.95 -13.30
CA THR A 36 -25.96 -6.50 -13.51
C THR A 36 -25.29 -6.99 -12.23
N CYS A 37 -26.02 -7.00 -11.12
CA CYS A 37 -25.54 -7.57 -9.85
C CYS A 37 -24.24 -6.88 -9.42
N SER A 38 -24.24 -5.56 -9.49
CA SER A 38 -23.06 -4.80 -9.13
C SER A 38 -23.49 -3.60 -8.30
N ALA A 39 -22.51 -3.00 -7.63
CA ALA A 39 -22.76 -1.85 -6.77
C ALA A 39 -21.59 -0.88 -6.87
N VAL A 40 -21.88 0.42 -6.82
CA VAL A 40 -20.85 1.44 -6.97
C VAL A 40 -20.91 2.36 -5.76
N SER A 41 -19.78 2.50 -5.07
CA SER A 41 -19.66 3.39 -3.94
C SER A 41 -18.97 4.67 -4.39
N ARG A 42 -19.70 5.78 -4.32
CA ARG A 42 -19.21 7.09 -4.74
C ARG A 42 -19.08 8.01 -3.54
N GLY A 43 -18.40 9.14 -3.75
CA GLY A 43 -18.21 10.14 -2.73
C GLY A 43 -16.78 10.31 -2.30
N TYR A 44 -15.87 9.49 -2.82
CA TYR A 44 -14.47 9.46 -2.41
C TYR A 44 -13.64 10.45 -3.22
N PHE A 45 -12.45 10.74 -2.70
CA PHE A 45 -11.56 11.72 -3.31
C PHE A 45 -10.14 11.17 -3.36
N SER A 46 -9.45 11.45 -4.47
CA SER A 46 -8.22 10.75 -4.80
C SER A 46 -7.00 11.34 -4.09
N ALA A 47 -6.01 10.47 -3.88
CA ALA A 47 -4.64 10.83 -3.54
C ALA A 47 -3.77 9.72 -4.13
N LEU A 48 -3.38 9.89 -5.39
CA LEU A 48 -2.65 8.89 -6.14
C LEU A 48 -1.18 9.27 -6.21
N ARG A 49 -0.31 8.34 -5.82
CA ARG A 49 1.12 8.61 -5.91
C ARG A 49 1.58 8.62 -7.37
N THR A 50 2.23 9.70 -7.77
CA THR A 50 2.79 9.82 -9.10
C THR A 50 4.27 10.19 -9.09
N GLY A 51 4.77 10.82 -8.02
CA GLY A 51 6.17 11.17 -7.93
C GLY A 51 6.81 10.52 -6.71
N TRP A 52 8.14 10.63 -6.66
CA TRP A 52 8.90 10.15 -5.51
C TRP A 52 9.83 11.28 -5.05
N TYR A 53 9.89 11.48 -3.74
CA TYR A 53 10.87 12.38 -3.13
C TYR A 53 11.90 11.52 -2.39
N THR A 54 13.17 11.90 -2.52
CA THR A 54 14.27 11.21 -1.85
C THR A 54 15.00 12.17 -0.93
N SER A 55 15.36 11.68 0.25
CA SER A 55 16.28 12.41 1.12
C SER A 55 17.30 11.43 1.69
N VAL A 56 18.44 11.95 2.13
CA VAL A 56 19.55 11.13 2.61
C VAL A 56 19.66 11.30 4.12
N ILE A 57 19.44 10.22 4.86
CA ILE A 57 19.66 10.19 6.29
C ILE A 57 21.05 9.66 6.56
N THR A 58 21.77 10.32 7.47
CA THR A 58 23.15 9.95 7.77
C THR A 58 23.36 9.80 9.27
N ILE A 59 24.16 8.80 9.62
CA ILE A 59 24.64 8.60 10.99
C ILE A 59 26.15 8.69 10.95
N GLU A 60 26.72 9.48 11.86
CA GLU A 60 28.17 9.69 11.89
C GLU A 60 28.83 8.55 12.65
N LEU A 61 29.77 7.87 12.01
CA LEU A 61 30.45 6.71 12.58
C LEU A 61 31.90 7.03 12.93
N SER A 62 32.48 6.19 13.79
CA SER A 62 33.92 6.22 14.02
C SER A 62 34.48 4.84 13.70
N ASN A 63 35.68 4.81 13.13
CA ASN A 63 36.25 3.56 12.62
C ASN A 63 37.27 3.00 13.62
N ILE A 64 36.75 2.63 14.78
CA ILE A 64 37.57 2.08 15.87
C ILE A 64 37.82 0.60 15.58
N LYS A 65 39.10 0.22 15.48
CA LYS A 65 39.46 -1.17 15.30
C LYS A 65 39.78 -1.83 16.64
N GLU A 66 41.06 -2.08 16.90
CA GLU A 66 41.48 -2.75 18.12
C GLU A 66 41.71 -1.74 19.24
N THR A 67 41.22 -2.09 20.44
CA THR A 67 41.47 -1.34 21.66
C THR A 67 42.28 -2.25 22.59
N LYS A 68 43.57 -1.96 22.73
CA LYS A 68 44.45 -2.76 23.56
C LYS A 68 44.10 -2.50 25.02
N CYS A 69 43.40 -3.45 25.63
CA CYS A 69 42.81 -3.25 26.95
C CYS A 69 42.66 -4.60 27.64
N ASN A 70 43.37 -4.77 28.75
CA ASN A 70 43.04 -5.83 29.70
C ASN A 70 41.71 -5.49 30.38
N GLY A 71 40.83 -6.47 30.47
CA GLY A 71 39.51 -6.22 30.98
C GLY A 71 39.12 -7.08 32.18
N THR A 72 38.23 -8.05 31.95
CA THR A 72 37.68 -8.95 32.97
C THR A 72 36.81 -8.22 33.99
N ASP A 73 37.21 -7.02 34.42
CA ASP A 73 36.36 -6.19 35.25
C ASP A 73 35.00 -6.02 34.58
N THR A 74 33.94 -6.40 35.30
CA THR A 74 32.60 -6.51 34.71
C THR A 74 32.24 -5.26 33.91
N LYS A 75 32.62 -4.09 34.41
CA LYS A 75 32.24 -2.84 33.74
C LYS A 75 32.96 -2.68 32.41
N VAL A 76 34.23 -3.02 32.34
CA VAL A 76 34.97 -2.89 31.08
C VAL A 76 34.50 -3.95 30.09
N LYS A 77 34.39 -5.19 30.54
CA LYS A 77 33.88 -6.27 29.71
C LYS A 77 32.46 -5.98 29.23
N LEU A 78 31.69 -5.21 30.01
CA LEU A 78 30.32 -4.88 29.64
C LEU A 78 30.29 -3.86 28.51
N ILE A 79 31.20 -2.88 28.54
CA ILE A 79 31.22 -1.88 27.48
C ILE A 79 31.94 -2.40 26.25
N LYS A 80 32.84 -3.38 26.39
CA LYS A 80 33.49 -3.97 25.23
C LYS A 80 32.51 -4.78 24.39
N GLN A 81 31.51 -5.40 25.02
CA GLN A 81 30.56 -6.16 24.22
C GLN A 81 29.48 -5.26 23.61
N GLU A 82 29.14 -4.15 24.26
CA GLU A 82 28.29 -3.18 23.59
C GLU A 82 29.04 -2.52 22.44
N LEU A 83 30.36 -2.37 22.56
CA LEU A 83 31.18 -1.96 21.44
C LEU A 83 31.23 -3.04 20.37
N ASP A 84 31.13 -4.31 20.76
CA ASP A 84 31.09 -5.40 19.79
C ASP A 84 29.80 -5.36 18.96
N LYS A 85 28.66 -5.08 19.59
CA LYS A 85 27.42 -4.90 18.84
C LYS A 85 27.58 -3.82 17.78
N TYR A 86 28.28 -2.74 18.14
CA TYR A 86 28.53 -1.65 17.20
C TYR A 86 29.28 -2.15 15.96
N LYS A 87 30.43 -2.80 16.15
CA LYS A 87 31.21 -3.29 15.02
C LYS A 87 30.45 -4.37 14.24
N ASN A 88 29.60 -5.15 14.91
CA ASN A 88 28.84 -6.17 14.19
C ASN A 88 27.80 -5.54 13.28
N ALA A 89 27.18 -4.45 13.71
CA ALA A 89 26.20 -3.78 12.86
C ALA A 89 26.88 -3.07 11.71
N VAL A 90 28.01 -2.41 11.94
CA VAL A 90 28.77 -1.80 10.85
C VAL A 90 29.15 -2.86 9.82
N THR A 91 29.62 -4.02 10.29
CA THR A 91 29.94 -5.12 9.39
C THR A 91 28.70 -5.58 8.62
N GLU A 92 27.59 -5.78 9.33
CA GLU A 92 26.37 -6.26 8.67
C GLU A 92 25.91 -5.29 7.59
N LEU A 93 25.99 -3.99 7.87
CA LEU A 93 25.68 -2.98 6.86
C LEU A 93 26.69 -3.02 5.72
N GLN A 94 27.96 -3.28 6.02
CA GLN A 94 28.97 -3.41 4.97
C GLN A 94 28.64 -4.56 4.03
N LEU A 95 28.12 -5.67 4.56
CA LEU A 95 27.74 -6.81 3.73
C LEU A 95 26.55 -6.49 2.82
N LEU A 96 25.72 -5.51 3.16
CA LEU A 96 24.61 -5.14 2.30
C LEU A 96 25.04 -4.21 1.18
N THR A 97 25.99 -3.31 1.46
CA THR A 97 26.39 -2.31 0.48
C THR A 97 27.35 -2.85 -0.57
N GLN A 98 28.09 -3.92 -0.25
CA GLN A 98 28.96 -4.52 -1.26
C GLN A 98 28.15 -5.10 -2.42
N ASN A 99 26.90 -5.49 -2.15
CA ASN A 99 26.06 -6.12 -3.16
C ASN A 99 24.93 -5.18 -3.60
N PHE A 137 -7.48 -9.17 -14.66
CA PHE A 137 -6.78 -7.96 -15.09
C PHE A 137 -5.38 -7.84 -14.46
N LEU A 138 -5.08 -8.71 -13.49
CA LEU A 138 -3.87 -8.59 -12.69
C LEU A 138 -2.59 -8.98 -13.42
N GLY A 139 -2.69 -9.68 -14.56
CA GLY A 139 -1.50 -10.01 -15.32
C GLY A 139 -0.81 -8.79 -15.89
N PHE A 140 -1.58 -7.74 -16.21
CA PHE A 140 -1.08 -6.50 -16.78
C PHE A 140 -0.19 -5.70 -15.83
N LEU A 141 0.07 -6.23 -14.63
CA LEU A 141 0.80 -5.50 -13.60
C LEU A 141 2.01 -6.29 -13.10
N LEU A 142 2.58 -7.17 -13.94
CA LEU A 142 3.61 -8.08 -13.46
C LEU A 142 5.03 -7.69 -13.86
N GLY A 143 5.21 -6.96 -14.95
CA GLY A 143 6.54 -6.55 -15.37
C GLY A 143 6.74 -5.08 -15.11
N VAL A 144 6.24 -4.65 -13.96
CA VAL A 144 6.07 -3.23 -13.66
C VAL A 144 7.39 -2.51 -13.38
N GLY A 145 8.44 -3.23 -13.02
CA GLY A 145 9.70 -2.60 -12.69
C GLY A 145 9.89 -2.40 -11.20
N SER A 146 10.92 -1.63 -10.87
CA SER A 146 11.30 -1.44 -9.48
C SER A 146 10.65 -0.21 -8.87
N ALA A 147 9.98 -0.42 -7.73
CA ALA A 147 9.42 0.70 -6.98
C ALA A 147 10.48 1.69 -6.55
N ILE A 148 11.73 1.26 -6.38
CA ILE A 148 12.72 2.10 -5.71
C ILE A 148 13.77 2.62 -6.67
N ALA A 149 13.42 2.77 -7.95
CA ALA A 149 14.41 3.19 -8.93
C ALA A 149 14.99 4.56 -8.59
N SER A 150 14.15 5.52 -8.22
CA SER A 150 14.70 6.85 -8.00
C SER A 150 15.55 6.90 -6.72
N GLY A 151 15.29 6.00 -5.77
CA GLY A 151 16.20 5.88 -4.65
C GLY A 151 17.54 5.31 -5.05
N ILE A 152 17.53 4.14 -5.70
CA ILE A 152 18.73 3.51 -6.23
C ILE A 152 19.55 4.48 -7.08
N ALA A 153 18.88 5.37 -7.81
CA ALA A 153 19.61 6.39 -8.57
C ALA A 153 20.42 7.30 -7.65
N VAL A 154 19.93 7.54 -6.43
CA VAL A 154 20.66 8.38 -5.49
C VAL A 154 21.80 7.60 -4.85
N CYS A 155 21.61 6.30 -4.61
CA CYS A 155 22.69 5.49 -4.08
C CYS A 155 23.88 5.42 -5.03
N LYS A 156 23.63 5.27 -6.33
CA LYS A 156 24.72 5.27 -7.30
C LYS A 156 25.59 6.52 -7.17
N VAL A 157 24.97 7.66 -6.84
CA VAL A 157 25.69 8.92 -6.84
C VAL A 157 26.55 9.06 -5.60
N LEU A 158 26.02 8.63 -4.44
CA LEU A 158 26.81 8.68 -3.21
C LEU A 158 28.07 7.84 -3.30
N HIS A 159 28.10 6.84 -4.18
CA HIS A 159 29.31 6.04 -4.38
C HIS A 159 30.38 6.78 -5.20
N LEU A 160 30.02 7.83 -5.92
CA LEU A 160 31.02 8.62 -6.64
C LEU A 160 32.02 9.22 -5.66
N GLU A 161 33.24 9.44 -6.16
CA GLU A 161 34.31 9.93 -5.29
C GLU A 161 33.95 11.32 -4.76
N GLY A 162 34.19 11.51 -3.47
CA GLY A 162 33.95 12.80 -2.84
C GLY A 162 32.51 13.18 -2.65
N GLU A 163 31.56 12.37 -3.10
CA GLU A 163 30.15 12.72 -2.94
C GLU A 163 29.72 12.64 -1.48
N VAL A 164 30.08 11.56 -0.78
CA VAL A 164 29.86 11.50 0.66
C VAL A 164 30.54 12.66 1.36
N ASN A 165 31.72 13.06 0.86
CA ASN A 165 32.41 14.20 1.46
C ASN A 165 31.59 15.48 1.35
N LYS A 166 30.87 15.67 0.22
CA LYS A 166 29.98 16.82 0.10
C LYS A 166 28.94 16.83 1.22
N ILE A 167 28.34 15.68 1.50
CA ILE A 167 27.29 15.57 2.52
C ILE A 167 27.86 15.91 3.90
N LYS A 168 29.03 15.35 4.24
CA LYS A 168 29.62 15.60 5.55
C LYS A 168 29.81 17.08 5.80
N ASN A 169 30.41 17.79 4.85
CA ASN A 169 30.66 19.21 5.04
C ASN A 169 29.36 20.00 5.12
N ALA A 170 28.32 19.59 4.41
CA ALA A 170 27.04 20.29 4.53
C ALA A 170 26.43 20.10 5.91
N LEU A 171 26.70 18.97 6.56
CA LEU A 171 26.16 18.66 7.87
C LEU A 171 27.17 18.84 9.00
N LEU A 172 28.31 19.48 8.73
CA LEU A 172 29.29 19.67 9.79
C LEU A 172 28.80 20.67 10.82
N SER A 173 28.02 21.66 10.41
CA SER A 173 27.56 22.72 11.30
C SER A 173 26.12 22.54 11.76
N THR A 174 25.28 21.86 11.00
CA THR A 174 23.89 21.65 11.39
C THR A 174 23.52 20.19 11.17
N ASN A 175 22.27 19.86 11.50
CA ASN A 175 21.76 18.49 11.38
C ASN A 175 20.75 18.34 10.25
N LYS A 176 20.44 19.41 9.53
CA LYS A 176 19.50 19.35 8.42
C LYS A 176 19.94 20.38 7.38
N ALA A 177 20.15 19.94 6.14
CA ALA A 177 20.67 20.83 5.12
C ALA A 177 20.29 20.32 3.74
N VAL A 178 20.07 21.25 2.82
CA VAL A 178 19.87 20.91 1.41
C VAL A 178 21.24 20.75 0.75
N VAL A 179 21.39 19.70 -0.05
CA VAL A 179 22.62 19.41 -0.75
C VAL A 179 22.29 19.16 -2.21
N SER A 180 23.09 19.72 -3.11
CA SER A 180 22.93 19.50 -4.54
C SER A 180 23.88 18.36 -4.97
N LEU A 181 23.29 17.21 -5.30
CA LEU A 181 24.08 16.05 -5.71
C LEU A 181 24.60 16.23 -7.13
N SER A 182 25.50 15.32 -7.52
CA SER A 182 26.21 15.43 -8.79
C SER A 182 25.40 14.97 -9.99
N ASN A 183 24.22 14.40 -9.77
CA ASN A 183 23.33 13.99 -10.86
C ASN A 183 22.13 14.90 -11.01
N GLY A 184 22.11 16.04 -10.33
CA GLY A 184 21.12 17.07 -10.55
C GLY A 184 19.98 17.12 -9.56
N VAL A 185 19.77 16.05 -8.80
CA VAL A 185 18.70 16.03 -7.81
C VAL A 185 19.16 16.77 -6.56
N SER A 186 18.33 17.70 -6.09
CA SER A 186 18.59 18.42 -4.85
C SER A 186 17.91 17.66 -3.72
N VAL A 187 18.71 17.19 -2.77
CA VAL A 187 18.21 16.34 -1.69
C VAL A 187 18.33 17.07 -0.37
N LEU A 188 17.40 16.77 0.52
CA LEU A 188 17.43 17.23 1.89
C LEU A 188 18.14 16.17 2.72
N THR A 189 19.09 16.59 3.55
CA THR A 189 19.95 15.64 4.25
C THR A 189 19.84 15.86 5.75
N PHE A 190 19.74 14.75 6.48
CA PHE A 190 19.55 14.76 7.92
C PHE A 190 20.70 14.05 8.60
N LYS A 191 21.12 14.55 9.75
CA LYS A 191 22.04 13.84 10.63
C LYS A 191 21.28 13.53 11.91
N VAL A 192 20.95 12.25 12.10
CA VAL A 192 20.07 11.84 13.19
C VAL A 192 20.82 11.24 14.37
N LEU A 193 22.10 10.91 14.20
CA LEU A 193 22.87 10.32 15.29
C LEU A 193 24.36 10.57 15.05
N ASP A 194 25.05 11.04 16.09
CA ASP A 194 26.48 11.35 16.01
C ASP A 194 27.25 10.38 16.90
N LEU A 195 27.30 9.11 16.47
CA LEU A 195 28.04 8.12 17.23
C LEU A 195 29.55 8.33 17.12
N LYS A 196 30.02 9.05 16.10
CA LYS A 196 31.45 9.34 15.95
C LYS A 196 31.97 10.07 17.17
N SER A 197 31.55 11.32 17.37
CA SER A 197 32.10 12.16 18.41
C SER A 197 31.74 11.66 19.81
N TYR A 198 30.76 10.77 19.95
CA TYR A 198 30.57 10.17 21.27
C TYR A 198 31.67 9.15 21.55
N ILE A 199 31.87 8.21 20.62
CA ILE A 199 32.85 7.14 20.85
C ILE A 199 34.27 7.70 20.88
N ASN A 200 34.58 8.65 19.98
CA ASN A 200 35.93 9.19 19.94
C ASN A 200 36.22 10.07 21.16
N ASN A 201 35.26 10.89 21.58
CA ASN A 201 35.49 11.84 22.68
C ASN A 201 35.14 11.22 24.03
N GLN A 202 33.84 11.02 24.28
CA GLN A 202 33.40 10.68 25.64
C GLN A 202 33.57 9.21 25.98
N LEU A 203 34.50 8.51 25.33
CA LEU A 203 34.57 7.06 25.53
C LEU A 203 35.94 6.44 25.24
N LEU A 204 36.49 6.72 24.06
CA LEU A 204 37.72 6.10 23.58
C LEU A 204 38.97 6.47 24.38
N PRO A 205 39.10 7.69 24.91
CA PRO A 205 40.23 7.96 25.83
C PRO A 205 40.33 6.96 26.96
N ILE A 206 39.22 6.61 27.59
CA ILE A 206 39.23 5.62 28.68
C ILE A 206 39.74 4.27 28.17
N LEU A 207 39.58 3.99 26.88
CA LEU A 207 39.88 2.69 26.30
C LEU A 207 41.26 2.60 25.65
N ASN A 208 42.12 3.60 25.83
CA ASN A 208 43.43 3.57 25.16
C ASN A 208 44.57 3.86 26.13
N GLN A 209 44.50 3.28 27.32
CA GLN A 209 45.67 3.02 28.15
C GLN A 209 45.62 1.56 28.55
N GLN A 210 46.79 0.99 28.90
CA GLN A 210 46.87 -0.45 29.12
C GLN A 210 46.00 -0.92 30.27
N SER A 211 45.75 -0.05 31.24
CA SER A 211 44.81 -0.30 32.33
C SER A 211 43.53 0.49 32.07
N CYS A 212 42.43 -0.22 31.84
CA CYS A 212 41.16 0.40 31.43
C CYS A 212 40.16 0.22 32.56
N ARG A 213 39.77 1.33 33.18
CA ARG A 213 38.84 1.33 34.31
C ARG A 213 37.76 2.38 34.02
N ILE A 214 36.56 1.93 33.65
CA ILE A 214 35.47 2.87 33.47
C ILE A 214 34.99 3.33 34.84
N SER A 215 34.65 4.61 34.94
CA SER A 215 34.41 5.23 36.24
C SER A 215 33.14 4.72 36.88
N ASN A 216 32.02 4.82 36.16
CA ASN A 216 30.71 4.54 36.70
C ASN A 216 29.88 3.81 35.65
N ILE A 217 28.93 3.00 36.13
CA ILE A 217 28.08 2.22 35.24
C ILE A 217 27.24 3.11 34.34
N GLU A 218 27.09 4.39 34.68
CA GLU A 218 26.30 5.30 33.87
C GLU A 218 26.82 5.38 32.44
N THR A 219 28.13 5.24 32.25
CA THR A 219 28.70 5.28 30.90
C THR A 219 28.34 4.03 30.10
N VAL A 220 28.22 2.88 30.76
CA VAL A 220 27.76 1.69 30.06
C VAL A 220 26.34 1.90 29.55
N ILE A 221 25.47 2.49 30.37
CA ILE A 221 24.09 2.69 29.98
C ILE A 221 23.97 3.81 28.94
N GLU A 222 24.75 4.86 29.10
CA GLU A 222 24.72 5.95 28.13
C GLU A 222 25.14 5.46 26.75
N PHE A 223 26.11 4.55 26.69
CA PHE A 223 26.57 4.03 25.40
C PHE A 223 25.55 3.09 24.77
N GLN A 224 24.80 2.33 25.58
CA GLN A 224 23.74 1.49 25.03
C GLN A 224 22.64 2.34 24.40
N GLN A 225 22.30 3.46 25.05
CA GLN A 225 21.26 4.32 24.51
C GLN A 225 21.70 4.97 23.20
N LYS A 226 22.94 5.45 23.12
CA LYS A 226 23.46 6.00 21.87
C LYS A 226 23.45 4.94 20.77
N ASN A 227 24.03 3.76 21.07
CA ASN A 227 24.16 2.71 20.06
C ASN A 227 22.81 2.13 19.64
N SER A 228 21.79 2.29 20.47
CA SER A 228 20.56 1.50 20.33
C SER A 228 19.90 1.70 18.98
N ARG A 229 19.74 2.94 18.53
CA ARG A 229 19.04 3.18 17.26
C ARG A 229 19.79 2.58 16.08
N LEU A 230 21.12 2.59 16.14
CA LEU A 230 21.89 1.98 15.06
C LEU A 230 21.61 0.49 14.93
N LEU A 231 21.47 -0.20 16.07
CA LEU A 231 21.17 -1.63 16.03
C LEU A 231 19.73 -1.88 15.56
N GLU A 232 18.81 -0.98 15.86
CA GLU A 232 17.44 -1.15 15.39
C GLU A 232 17.37 -0.99 13.88
N ILE A 233 18.11 0.00 13.34
CA ILE A 233 18.17 0.24 11.91
C ILE A 233 18.85 -0.93 11.19
N THR A 234 19.88 -1.50 11.82
CA THR A 234 20.64 -2.55 11.15
C THR A 234 19.85 -3.86 11.07
N ARG A 235 19.08 -4.19 12.12
CA ARG A 235 18.36 -5.46 12.07
C ARG A 235 17.23 -5.41 11.05
N GLU A 236 16.65 -4.23 10.81
CA GLU A 236 15.60 -4.12 9.81
C GLU A 236 16.16 -4.30 8.41
N PHE A 237 17.29 -3.64 8.13
CA PHE A 237 17.96 -3.84 6.86
C PHE A 237 18.45 -5.27 6.73
N SER A 238 18.95 -5.87 7.82
CA SER A 238 19.42 -7.25 7.77
C SER A 238 18.32 -8.20 7.30
N VAL A 239 17.16 -8.21 7.98
CA VAL A 239 16.11 -9.16 7.67
C VAL A 239 15.37 -8.83 6.37
N ASN A 240 15.71 -7.73 5.70
CA ASN A 240 14.99 -7.27 4.52
C ASN A 240 15.91 -6.97 3.35
N ALA A 241 17.17 -7.41 3.40
CA ALA A 241 18.10 -7.27 2.30
C ALA A 241 18.28 -5.80 1.90
N GLY A 242 18.30 -4.92 2.90
CA GLY A 242 18.63 -3.52 2.71
C GLY A 242 17.51 -2.62 2.22
N VAL A 243 16.28 -3.12 2.12
CA VAL A 243 15.14 -2.32 1.67
C VAL A 243 13.95 -2.64 2.57
N THR A 244 13.32 -1.61 3.14
CA THR A 244 12.24 -1.81 4.12
C THR A 244 11.03 -0.93 3.81
N THR A 245 9.83 -1.50 4.02
CA THR A 245 8.57 -0.78 3.92
C THR A 245 7.52 -1.51 4.76
N PRO A 246 6.74 -0.81 5.57
CA PRO A 246 6.69 0.64 5.73
C PRO A 246 7.91 1.25 6.40
N LEU A 247 7.93 2.58 6.45
CA LEU A 247 9.03 3.34 7.02
C LEU A 247 8.96 3.29 8.53
N SER A 248 9.95 2.66 9.16
CA SER A 248 10.00 2.57 10.62
C SER A 248 10.03 3.94 11.25
N THR A 249 9.45 4.04 12.43
CA THR A 249 9.78 5.17 13.29
C THR A 249 11.28 5.18 13.59
N TYR A 250 11.90 4.00 13.68
CA TYR A 250 13.34 3.92 13.87
C TYR A 250 14.11 4.47 12.67
N MET A 251 13.62 4.20 11.44
CA MET A 251 14.27 4.75 10.26
C MET A 251 14.08 6.25 10.19
N LEU A 252 12.88 6.72 10.49
CA LEU A 252 12.56 8.15 10.45
C LEU A 252 11.53 8.41 11.54
N THR A 253 11.92 9.17 12.56
CA THR A 253 10.99 9.47 13.64
C THR A 253 9.90 10.44 13.15
N ASN A 254 8.80 10.52 13.92
CA ASN A 254 7.73 11.43 13.56
C ASN A 254 8.21 12.86 13.52
N SER A 255 9.12 13.22 14.43
CA SER A 255 9.70 14.56 14.44
C SER A 255 10.46 14.82 13.15
N GLU A 256 11.28 13.86 12.70
CA GLU A 256 12.06 14.04 11.49
C GLU A 256 11.19 13.97 10.24
N LEU A 257 10.15 13.14 10.25
CA LEU A 257 9.30 12.98 9.07
C LEU A 257 8.44 14.20 8.82
N LEU A 258 7.88 14.79 9.88
CA LEU A 258 7.12 16.03 9.69
C LEU A 258 8.04 17.16 9.24
N SER A 259 9.24 17.24 9.82
CA SER A 259 10.24 18.20 9.40
C SER A 259 10.56 18.04 7.92
N LEU A 260 10.68 16.79 7.47
CA LEU A 260 10.99 16.53 6.07
C LEU A 260 9.84 16.93 5.17
N ILE A 261 8.61 16.55 5.53
CA ILE A 261 7.44 16.92 4.74
C ILE A 261 7.30 18.43 4.63
N ASN A 262 7.68 19.17 5.66
CA ASN A 262 7.45 20.61 5.65
C ASN A 262 8.35 21.32 4.64
N ASP A 263 9.53 20.77 4.36
CA ASP A 263 10.48 21.35 3.43
C ASP A 263 10.47 20.67 2.07
N MET A 264 9.42 19.95 1.75
CA MET A 264 9.37 19.31 0.46
C MET A 264 8.99 20.31 -0.64
N PRO A 265 9.52 20.14 -1.86
CA PRO A 265 9.04 20.94 -2.99
C PRO A 265 7.67 20.48 -3.47
N ILE A 266 6.64 20.72 -2.66
CA ILE A 266 5.27 20.38 -2.97
C ILE A 266 4.38 21.50 -2.42
N THR A 267 3.10 21.46 -2.79
CA THR A 267 2.19 22.53 -2.41
C THR A 267 1.87 22.46 -0.92
N ASN A 268 1.45 23.60 -0.36
CA ASN A 268 0.91 23.58 0.99
C ASN A 268 -0.31 22.67 1.09
N ASP A 269 -0.99 22.43 -0.04
CA ASP A 269 -2.06 21.43 -0.06
C ASP A 269 -1.50 20.05 0.21
N GLN A 270 -0.50 19.64 -0.57
CA GLN A 270 0.07 18.30 -0.40
C GLN A 270 0.79 18.14 0.94
N LYS A 271 1.42 19.20 1.46
CA LYS A 271 2.06 19.12 2.76
C LYS A 271 1.02 18.85 3.86
N LYS A 272 -0.13 19.52 3.78
CA LYS A 272 -1.16 19.31 4.80
C LYS A 272 -1.81 17.94 4.67
N LEU A 273 -1.95 17.43 3.44
CA LEU A 273 -2.48 16.08 3.26
C LEU A 273 -1.52 15.03 3.83
N MET A 274 -0.22 15.18 3.57
CA MET A 274 0.75 14.21 4.04
C MET A 274 0.87 14.22 5.56
N SER A 275 0.96 15.40 6.16
CA SER A 275 1.18 15.47 7.60
C SER A 275 -0.08 15.23 8.42
N SER A 276 -1.25 15.11 7.78
CA SER A 276 -2.45 14.65 8.45
C SER A 276 -2.60 13.13 8.43
N ASN A 277 -1.84 12.45 7.57
CA ASN A 277 -1.88 10.99 7.44
C ASN A 277 -0.45 10.45 7.42
N VAL A 278 0.31 10.67 8.50
CA VAL A 278 1.69 10.22 8.47
C VAL A 278 1.74 8.70 8.41
N GLN A 279 0.77 8.04 9.06
CA GLN A 279 0.76 6.58 9.06
C GLN A 279 0.59 6.03 7.67
N ILE A 280 -0.16 6.73 6.80
CA ILE A 280 -0.31 6.28 5.42
C ILE A 280 0.96 6.56 4.62
N VAL A 281 1.58 7.73 4.83
CA VAL A 281 2.83 8.03 4.15
C VAL A 281 3.87 6.95 4.45
N ARG A 282 3.92 6.49 5.70
CA ARG A 282 4.85 5.41 6.04
C ARG A 282 4.57 4.16 5.22
N GLN A 283 3.30 3.76 5.14
CA GLN A 283 2.92 2.56 4.38
C GLN A 283 3.21 2.66 2.89
N GLN A 284 3.51 3.85 2.36
CA GLN A 284 3.79 4.01 0.94
C GLN A 284 5.20 4.52 0.69
N SER A 285 6.08 4.43 1.68
CA SER A 285 7.45 4.87 1.54
C SER A 285 8.42 3.70 1.67
N TYR A 286 9.64 3.93 1.21
CA TYR A 286 10.68 2.93 1.26
C TYR A 286 11.91 3.50 1.93
N SER A 287 12.67 2.63 2.59
CA SER A 287 14.00 2.92 3.10
C SER A 287 14.99 2.02 2.39
N ILE A 288 16.06 2.61 1.87
CA ILE A 288 17.04 1.90 1.07
C ILE A 288 18.41 2.09 1.69
N MET A 289 19.03 1.00 2.13
CA MET A 289 20.40 1.06 2.62
C MET A 289 21.36 1.37 1.49
N CYS A 290 22.32 2.25 1.74
CA CYS A 290 23.06 2.91 0.65
C CYS A 290 24.56 2.71 0.73
N ILE A 291 25.26 3.37 1.66
CA ILE A 291 26.71 3.43 1.65
C ILE A 291 27.20 3.48 3.08
N ILE A 292 28.40 2.94 3.31
CA ILE A 292 28.99 3.00 4.64
C ILE A 292 30.50 3.18 4.51
N LYS A 293 30.93 4.42 4.31
CA LYS A 293 32.35 4.71 4.16
C LYS A 293 32.66 6.09 4.74
N GLU A 294 33.94 6.30 5.05
CA GLU A 294 34.45 7.60 5.46
C GLU A 294 33.70 8.13 6.69
N GLU A 295 33.60 7.28 7.72
CA GLU A 295 33.03 7.66 9.01
C GLU A 295 31.58 8.11 8.87
N VAL A 296 30.88 7.63 7.86
CA VAL A 296 29.49 8.00 7.64
C VAL A 296 28.69 6.78 7.21
N LEU A 297 27.52 6.62 7.83
CA LEU A 297 26.45 5.73 7.38
C LEU A 297 25.36 6.58 6.75
N ALA A 298 24.91 6.21 5.55
CA ALA A 298 23.87 6.95 4.86
C ALA A 298 22.90 5.99 4.20
N TYR A 299 21.61 6.32 4.27
CA TYR A 299 20.58 5.55 3.60
C TYR A 299 19.52 6.50 3.09
N VAL A 300 18.80 6.07 2.07
CA VAL A 300 17.85 6.92 1.36
C VAL A 300 16.44 6.58 1.78
N VAL A 301 15.69 7.61 2.14
CA VAL A 301 14.26 7.51 2.39
C VAL A 301 13.55 8.00 1.14
N GLN A 302 12.57 7.25 0.67
CA GLN A 302 11.85 7.55 -0.56
C GLN A 302 10.39 7.77 -0.21
N LEU A 303 9.92 9.01 -0.32
CA LEU A 303 8.57 9.35 0.11
C LEU A 303 7.68 9.61 -1.10
N PRO A 304 6.39 9.33 -0.99
CA PRO A 304 5.49 9.51 -2.13
C PRO A 304 5.19 10.98 -2.40
N ILE A 305 4.82 11.25 -3.64
CA ILE A 305 4.28 12.56 -4.05
C ILE A 305 2.94 12.31 -4.72
N TYR A 306 1.89 12.90 -4.18
CA TYR A 306 0.54 12.68 -4.70
C TYR A 306 0.25 13.75 -5.77
N GLY A 307 0.56 13.41 -7.02
CA GLY A 307 0.32 14.33 -8.12
C GLY A 307 -1.11 14.37 -8.60
N VAL A 308 -1.96 13.51 -8.08
CA VAL A 308 -3.39 13.52 -8.36
C VAL A 308 -4.10 13.66 -7.02
N ILE A 309 -4.87 14.74 -6.87
CA ILE A 309 -5.49 15.06 -5.59
C ILE A 309 -6.91 15.55 -5.82
N ASP A 310 -7.85 15.02 -5.06
CA ASP A 310 -9.23 15.51 -5.00
C ASP A 310 -10.02 15.28 -6.29
N THR A 311 -9.58 14.30 -7.14
CA THR A 311 -10.48 13.92 -8.21
C THR A 311 -11.44 12.82 -7.73
N PRO A 312 -12.61 12.67 -8.34
CA PRO A 312 -13.59 11.67 -7.85
C PRO A 312 -13.10 10.23 -8.02
N CYS A 313 -13.26 9.44 -6.97
CA CYS A 313 -13.04 8.00 -7.00
C CYS A 313 -14.31 7.27 -6.65
N TRP A 314 -14.46 6.07 -7.20
CA TRP A 314 -15.61 5.21 -6.96
C TRP A 314 -15.14 3.76 -6.96
N LYS A 315 -15.79 2.93 -6.15
CA LYS A 315 -15.45 1.52 -6.03
C LYS A 315 -16.55 0.65 -6.64
N LEU A 316 -16.17 -0.25 -7.54
CA LEU A 316 -17.10 -1.19 -8.14
C LEU A 316 -17.07 -2.53 -7.39
N HIS A 317 -18.23 -2.99 -6.96
CA HIS A 317 -18.39 -4.31 -6.36
C HIS A 317 -19.21 -5.16 -7.32
N THR A 318 -18.75 -6.38 -7.60
CA THR A 318 -19.48 -7.29 -8.48
C THR A 318 -19.77 -8.60 -7.76
N SER A 319 -20.75 -9.35 -8.28
CA SER A 319 -21.12 -10.64 -7.72
C SER A 319 -21.78 -11.48 -8.82
N PRO A 320 -21.69 -12.80 -8.75
CA PRO A 320 -22.19 -13.65 -9.85
C PRO A 320 -23.70 -13.56 -10.02
N LEU A 321 -24.12 -13.36 -11.25
CA LEU A 321 -25.54 -13.30 -11.62
C LEU A 321 -25.92 -14.54 -12.43
N CYS A 322 -26.94 -15.26 -11.96
CA CYS A 322 -27.31 -16.57 -12.49
C CYS A 322 -28.81 -16.74 -12.54
N THR A 323 -29.24 -17.62 -13.44
CA THR A 323 -30.63 -18.04 -13.50
C THR A 323 -30.95 -18.92 -12.30
N THR A 324 -32.22 -18.92 -11.89
CA THR A 324 -32.59 -19.39 -10.56
C THR A 324 -33.43 -20.67 -10.64
N ASN A 325 -32.78 -21.75 -11.06
CA ASN A 325 -33.28 -23.11 -10.88
C ASN A 325 -32.47 -23.77 -9.76
N ILE A 326 -33.16 -24.45 -8.83
CA ILE A 326 -32.48 -24.96 -7.63
C ILE A 326 -31.46 -26.04 -7.97
N LYS A 327 -31.68 -26.81 -9.03
CA LYS A 327 -30.76 -27.89 -9.39
C LYS A 327 -29.45 -27.34 -9.95
N GLU A 328 -28.34 -27.91 -9.47
CA GLU A 328 -27.01 -27.37 -9.80
C GLU A 328 -26.61 -27.72 -11.22
N GLY A 329 -25.92 -26.79 -11.89
CA GLY A 329 -25.34 -27.02 -13.19
C GLY A 329 -26.27 -26.72 -14.36
N SER A 330 -27.58 -26.78 -14.17
CA SER A 330 -28.54 -26.47 -15.21
C SER A 330 -28.82 -24.98 -15.34
N ASN A 331 -27.97 -24.15 -14.76
CA ASN A 331 -28.11 -22.70 -14.77
C ASN A 331 -26.89 -22.05 -15.41
N ILE A 332 -27.12 -20.91 -16.05
CA ILE A 332 -26.06 -20.13 -16.67
C ILE A 332 -25.78 -18.92 -15.81
N CYS A 333 -24.50 -18.57 -15.68
CA CYS A 333 -24.06 -17.46 -14.85
C CYS A 333 -23.27 -16.47 -15.68
N LEU A 334 -23.03 -15.31 -15.08
CA LEU A 334 -22.48 -14.13 -15.75
C LEU A 334 -22.05 -13.11 -14.70
N THR A 335 -20.79 -12.70 -14.72
CA THR A 335 -20.23 -11.82 -13.69
C THR A 335 -19.42 -10.71 -14.34
N ARG A 336 -19.67 -9.47 -13.95
CA ARG A 336 -18.80 -8.37 -14.38
C ARG A 336 -17.42 -8.54 -13.77
N THR A 337 -16.39 -8.47 -14.59
CA THR A 337 -15.04 -8.71 -14.11
C THR A 337 -14.26 -7.44 -13.78
N ASP A 338 -14.88 -6.26 -13.93
CA ASP A 338 -14.14 -5.00 -13.81
C ASP A 338 -14.23 -4.39 -12.42
N ARG A 339 -14.30 -5.22 -11.38
CA ARG A 339 -14.38 -4.71 -10.02
C ARG A 339 -13.04 -4.11 -9.57
N GLY A 340 -13.12 -3.20 -8.62
CA GLY A 340 -11.95 -2.55 -8.09
C GLY A 340 -12.19 -1.08 -7.88
N TRP A 341 -11.12 -0.31 -7.76
CA TRP A 341 -11.19 1.13 -7.56
C TRP A 341 -10.99 1.86 -8.89
N TYR A 342 -11.73 2.95 -9.07
CA TYR A 342 -11.60 3.82 -10.24
C TYR A 342 -11.49 5.26 -9.78
N CYS A 343 -10.47 5.97 -10.27
CA CYS A 343 -10.32 7.40 -10.00
C CYS A 343 -10.12 8.14 -11.31
N ASP A 344 -10.74 9.30 -11.44
CA ASP A 344 -10.50 10.14 -12.59
C ASP A 344 -9.08 10.69 -12.56
N ASN A 345 -8.41 10.69 -13.72
CA ASN A 345 -6.98 10.98 -13.74
C ASN A 345 -6.57 11.41 -15.15
N ALA A 346 -6.45 12.72 -15.36
CA ALA A 346 -5.92 13.31 -16.59
C ALA A 346 -6.71 12.87 -17.82
N GLY A 347 -8.01 13.14 -17.81
CA GLY A 347 -8.86 12.86 -18.95
C GLY A 347 -9.19 11.39 -19.15
N SER A 348 -8.60 10.50 -18.35
CA SER A 348 -8.87 9.08 -18.38
C SER A 348 -9.33 8.63 -17.00
N VAL A 349 -9.39 7.33 -16.81
CA VAL A 349 -9.74 6.74 -15.52
C VAL A 349 -8.63 5.78 -15.12
N SER A 350 -8.03 6.04 -13.95
CA SER A 350 -7.09 5.10 -13.36
C SER A 350 -7.86 3.99 -12.64
N PHE A 351 -7.55 2.74 -12.98
CA PHE A 351 -8.28 1.59 -12.49
C PHE A 351 -7.34 0.71 -11.67
N PHE A 352 -7.78 0.33 -10.46
CA PHE A 352 -6.95 -0.43 -9.53
C PHE A 352 -7.61 -1.78 -9.30
N PRO A 353 -7.22 -2.81 -10.07
CA PRO A 353 -7.92 -4.09 -10.00
C PRO A 353 -7.53 -4.94 -8.81
N GLN A 354 -6.36 -4.69 -8.21
CA GLN A 354 -5.83 -5.55 -7.17
C GLN A 354 -6.36 -5.13 -5.81
N ALA A 355 -6.68 -6.12 -4.99
CA ALA A 355 -7.14 -5.86 -3.63
C ALA A 355 -5.96 -5.43 -2.75
N ASP A 356 -6.20 -4.41 -1.93
CA ASP A 356 -5.25 -3.86 -0.96
C ASP A 356 -4.16 -3.00 -1.59
N THR A 357 -4.35 -2.52 -2.81
CA THR A 357 -3.46 -1.52 -3.40
C THR A 357 -3.98 -0.10 -3.22
N CYS A 358 -5.12 0.05 -2.54
CA CYS A 358 -5.68 1.34 -2.19
C CYS A 358 -6.10 1.30 -0.72
N LYS A 359 -5.75 2.33 0.02
CA LYS A 359 -6.08 2.45 1.44
C LYS A 359 -7.03 3.63 1.62
N VAL A 360 -8.14 3.40 2.30
CA VAL A 360 -9.18 4.42 2.49
C VAL A 360 -9.04 5.06 3.87
N GLN A 361 -9.24 6.38 3.92
CA GLN A 361 -9.37 7.12 5.17
C GLN A 361 -10.52 8.09 4.98
N SER A 362 -11.53 8.01 5.86
CA SER A 362 -12.82 8.66 5.66
C SER A 362 -13.24 8.59 4.19
N ASN A 363 -13.26 9.72 3.49
CA ASN A 363 -13.64 9.73 2.08
C ASN A 363 -12.47 10.08 1.16
N ARG A 364 -11.26 9.68 1.54
CA ARG A 364 -10.05 9.90 0.77
C ARG A 364 -9.43 8.55 0.41
N VAL A 365 -9.06 8.37 -0.85
CA VAL A 365 -8.45 7.13 -1.33
C VAL A 365 -7.00 7.40 -1.68
N PHE A 366 -6.09 6.71 -1.00
CA PHE A 366 -4.68 6.73 -1.35
C PHE A 366 -4.35 5.50 -2.19
N CYS A 367 -3.76 5.72 -3.37
CA CYS A 367 -3.37 4.64 -4.25
C CYS A 367 -2.03 4.97 -4.89
N ASP A 368 -1.36 3.93 -5.40
CA ASP A 368 -0.11 4.09 -6.13
C ASP A 368 -0.36 3.75 -7.60
N THR A 369 -0.18 4.75 -8.48
CA THR A 369 -0.48 4.55 -9.90
C THR A 369 0.38 3.48 -10.56
N MET A 370 1.50 3.09 -9.94
CA MET A 370 2.26 1.93 -10.40
C MET A 370 1.40 0.66 -10.42
N ASN A 371 0.30 0.63 -9.67
CA ASN A 371 -0.56 -0.53 -9.55
C ASN A 371 -1.83 -0.42 -10.39
N SER A 372 -1.88 0.52 -11.31
CA SER A 372 -3.12 0.85 -12.00
C SER A 372 -3.02 0.51 -13.49
N LEU A 373 -4.19 0.53 -14.12
CA LEU A 373 -4.29 0.53 -15.57
C LEU A 373 -5.00 1.82 -15.96
N THR A 374 -4.73 2.30 -17.17
CA THR A 374 -5.44 3.45 -17.70
C THR A 374 -6.53 2.94 -18.63
N LEU A 375 -7.76 3.36 -18.38
CA LEU A 375 -8.89 3.05 -19.25
C LEU A 375 -9.52 4.33 -19.75
N PRO A 376 -10.18 4.31 -20.90
CA PRO A 376 -10.98 5.46 -21.32
C PRO A 376 -12.07 5.76 -20.30
N SER A 377 -12.36 7.05 -20.13
CA SER A 377 -13.31 7.44 -19.08
C SER A 377 -14.71 6.85 -19.32
N GLU A 378 -15.01 6.46 -20.55
CA GLU A 378 -16.25 5.77 -20.88
C GLU A 378 -16.48 4.50 -20.07
N VAL A 379 -15.48 3.99 -19.36
CA VAL A 379 -15.61 2.70 -18.68
C VAL A 379 -16.75 2.73 -17.67
N SER A 380 -17.03 3.90 -17.08
CA SER A 380 -18.08 4.00 -16.09
C SER A 380 -19.47 3.85 -16.68
N LEU A 381 -19.61 3.88 -18.01
CA LEU A 381 -20.92 3.64 -18.61
C LEU A 381 -21.44 2.23 -18.32
N CYS A 382 -20.56 1.29 -18.01
CA CYS A 382 -20.99 -0.07 -17.68
C CYS A 382 -21.83 -0.12 -16.42
N ASN A 383 -21.67 0.86 -15.53
CA ASN A 383 -22.44 0.84 -14.31
C ASN A 383 -23.90 1.20 -14.58
N THR A 384 -24.15 2.13 -15.48
CA THR A 384 -25.50 2.59 -15.75
C THR A 384 -26.12 1.97 -16.99
N ASP A 385 -25.33 1.50 -17.94
CA ASP A 385 -25.86 0.90 -19.15
C ASP A 385 -24.82 -0.09 -19.67
N ILE A 386 -24.96 -1.36 -19.24
CA ILE A 386 -23.95 -2.34 -19.59
C ILE A 386 -23.98 -2.70 -21.07
N PHE A 387 -25.08 -2.42 -21.78
CA PHE A 387 -25.20 -2.76 -23.19
C PHE A 387 -24.79 -1.61 -24.11
N ASN A 388 -24.10 -0.59 -23.57
CA ASN A 388 -23.79 0.61 -24.32
C ASN A 388 -22.82 0.34 -25.46
N SER A 389 -22.87 1.21 -26.47
CA SER A 389 -22.03 1.06 -27.66
C SER A 389 -20.83 2.01 -27.67
N LYS A 390 -20.42 2.52 -26.51
CA LYS A 390 -19.21 3.33 -26.42
C LYS A 390 -18.05 2.61 -25.74
N TYR A 391 -18.34 1.71 -24.81
CA TYR A 391 -17.32 0.87 -24.17
C TYR A 391 -17.84 -0.55 -24.09
N ASP A 392 -17.05 -1.50 -24.57
CA ASP A 392 -17.40 -2.92 -24.49
C ASP A 392 -17.15 -3.41 -23.06
N CYS A 393 -18.22 -3.55 -22.28
CA CYS A 393 -18.10 -3.93 -20.87
C CYS A 393 -17.69 -5.39 -20.73
N LYS A 394 -16.80 -5.66 -19.78
CA LYS A 394 -16.14 -6.96 -19.68
C LYS A 394 -16.81 -7.85 -18.63
N ILE A 395 -17.12 -9.09 -19.01
CA ILE A 395 -17.80 -10.05 -18.16
C ILE A 395 -17.16 -11.42 -18.34
N MET A 396 -17.45 -12.32 -17.39
CA MET A 396 -17.13 -13.73 -17.53
C MET A 396 -18.41 -14.54 -17.37
N THR A 397 -18.41 -15.77 -17.89
CA THR A 397 -19.58 -16.63 -17.79
C THR A 397 -19.17 -17.99 -17.25
N SER A 398 -20.11 -18.68 -16.62
CA SER A 398 -19.84 -19.98 -16.02
C SER A 398 -21.18 -20.67 -15.79
N LYS A 399 -21.12 -21.82 -15.12
CA LYS A 399 -22.31 -22.52 -14.63
C LYS A 399 -22.18 -22.81 -13.13
N THR A 400 -21.39 -22.01 -12.43
CA THR A 400 -21.05 -22.24 -11.03
C THR A 400 -21.94 -21.33 -10.18
N ASP A 401 -23.11 -21.85 -9.80
CA ASP A 401 -24.05 -21.13 -8.96
C ASP A 401 -23.82 -21.51 -7.49
N ILE A 402 -22.77 -20.91 -6.92
CA ILE A 402 -22.44 -21.07 -5.50
C ILE A 402 -22.81 -19.79 -4.78
N SER A 403 -23.44 -19.92 -3.62
CA SER A 403 -23.92 -18.75 -2.89
C SER A 403 -22.77 -17.97 -2.26
N SER A 404 -22.87 -16.65 -2.30
CA SER A 404 -21.80 -15.79 -1.82
C SER A 404 -22.31 -14.38 -1.61
N SER A 405 -21.60 -13.64 -0.77
CA SER A 405 -21.95 -12.26 -0.44
C SER A 405 -20.73 -11.37 -0.57
N VAL A 406 -20.95 -10.14 -1.02
CA VAL A 406 -19.92 -9.11 -1.10
C VAL A 406 -20.30 -7.98 -0.16
N ILE A 407 -19.40 -7.61 0.73
CA ILE A 407 -19.61 -6.49 1.63
C ILE A 407 -19.14 -5.22 0.93
N THR A 408 -20.07 -4.31 0.66
CA THR A 408 -19.76 -3.06 -0.02
C THR A 408 -19.49 -1.95 0.99
N SER A 409 -19.31 -0.71 0.51
CA SER A 409 -19.00 0.40 1.40
C SER A 409 -20.14 0.65 2.37
N LEU A 410 -21.37 0.71 1.87
CA LEU A 410 -22.53 1.06 2.67
C LEU A 410 -23.58 -0.04 2.69
N GLY A 411 -23.18 -1.29 2.52
CA GLY A 411 -24.17 -2.36 2.45
C GLY A 411 -23.61 -3.72 2.09
N ALA A 412 -24.43 -4.57 1.47
CA ALA A 412 -24.01 -5.93 1.14
C ALA A 412 -24.77 -6.44 -0.07
N ILE A 413 -24.05 -7.11 -0.96
CA ILE A 413 -24.63 -7.84 -2.08
C ILE A 413 -24.69 -9.31 -1.71
N VAL A 414 -25.82 -9.98 -1.99
CA VAL A 414 -25.96 -11.41 -1.71
C VAL A 414 -26.38 -12.13 -2.99
N SER A 415 -25.64 -13.16 -3.36
CA SER A 415 -25.96 -14.02 -4.49
C SER A 415 -26.36 -15.38 -3.94
N CYS A 416 -27.65 -15.65 -3.89
CA CYS A 416 -28.17 -16.85 -3.23
C CYS A 416 -28.67 -17.82 -4.28
N TYR A 417 -28.16 -19.05 -4.24
CA TYR A 417 -28.48 -20.05 -5.24
C TYR A 417 -28.64 -21.41 -4.57
N GLY A 418 -29.49 -22.25 -5.14
CA GLY A 418 -29.69 -23.57 -4.58
C GLY A 418 -30.44 -23.52 -3.27
N LYS A 419 -30.14 -24.48 -2.40
CA LYS A 419 -30.82 -24.63 -1.11
C LYS A 419 -30.20 -23.78 -0.01
N THR A 420 -29.28 -22.88 -0.36
CA THR A 420 -28.54 -22.14 0.66
C THR A 420 -29.46 -21.20 1.42
N LYS A 421 -29.18 -21.05 2.70
CA LYS A 421 -29.89 -20.13 3.58
C LYS A 421 -29.08 -18.83 3.65
N CYS A 422 -29.61 -17.76 3.05
CA CYS A 422 -28.99 -16.44 3.06
C CYS A 422 -29.92 -15.44 3.73
N THR A 423 -29.44 -14.77 4.79
CA THR A 423 -30.26 -13.84 5.56
C THR A 423 -29.43 -12.62 5.98
N ALA A 424 -30.13 -11.56 6.40
CA ALA A 424 -29.51 -10.35 6.94
C ALA A 424 -30.14 -10.03 8.28
N SER A 425 -29.33 -9.80 9.30
CA SER A 425 -29.79 -9.79 10.68
C SER A 425 -29.46 -8.47 11.38
N ASN A 426 -30.12 -8.32 12.52
CA ASN A 426 -29.86 -7.26 13.50
C ASN A 426 -29.62 -7.98 14.82
N LYS A 427 -28.60 -7.56 15.56
CA LYS A 427 -28.22 -8.34 16.73
C LYS A 427 -29.31 -8.35 17.79
N ASN A 428 -30.17 -7.34 17.80
CA ASN A 428 -31.26 -7.29 18.78
C ASN A 428 -32.61 -7.69 18.21
N ARG A 429 -32.83 -7.48 16.90
CA ARG A 429 -34.15 -7.69 16.36
C ARG A 429 -34.34 -9.05 15.68
N GLY A 430 -33.26 -9.73 15.30
CA GLY A 430 -33.41 -10.99 14.60
C GLY A 430 -33.17 -10.87 13.10
N ILE A 431 -33.85 -11.68 12.31
CA ILE A 431 -33.68 -11.62 10.86
C ILE A 431 -34.54 -10.50 10.30
N ILE A 432 -33.94 -9.65 9.48
CA ILE A 432 -34.65 -8.53 8.87
C ILE A 432 -34.94 -8.77 7.38
N LYS A 433 -34.07 -9.49 6.67
CA LYS A 433 -34.33 -9.89 5.29
C LYS A 433 -33.86 -11.32 5.06
N THR A 434 -34.72 -12.14 4.46
CA THR A 434 -34.35 -13.45 3.95
C THR A 434 -34.23 -13.36 2.44
N PHE A 435 -33.06 -13.67 1.90
CA PHE A 435 -32.79 -13.46 0.48
C PHE A 435 -33.31 -14.62 -0.33
N SER A 436 -34.09 -14.32 -1.37
CA SER A 436 -34.49 -15.31 -2.35
C SER A 436 -33.33 -15.66 -3.26
N ASN A 437 -33.53 -16.71 -4.07
CA ASN A 437 -32.55 -17.08 -5.06
C ASN A 437 -32.39 -15.98 -6.10
N GLY A 438 -31.16 -15.71 -6.47
CA GLY A 438 -30.82 -14.59 -7.33
C GLY A 438 -29.93 -13.60 -6.61
N CYS A 439 -29.70 -12.46 -7.28
CA CYS A 439 -28.77 -11.45 -6.79
C CYS A 439 -29.54 -10.25 -6.24
N ASP A 440 -29.46 -10.05 -4.93
CA ASP A 440 -30.17 -9.00 -4.21
C ASP A 440 -29.17 -8.20 -3.37
N TYR A 441 -29.69 -7.20 -2.66
CA TYR A 441 -28.87 -6.17 -2.03
C TYR A 441 -29.58 -5.62 -0.81
N VAL A 442 -28.81 -5.28 0.21
CA VAL A 442 -29.33 -4.71 1.45
C VAL A 442 -28.44 -3.55 1.89
N SER A 443 -29.06 -2.52 2.45
CA SER A 443 -28.33 -1.37 2.99
C SER A 443 -27.91 -1.65 4.43
N ASN A 444 -26.85 -0.99 4.87
CA ASN A 444 -26.33 -1.30 6.19
C ASN A 444 -27.12 -0.63 7.33
N LYS A 445 -28.19 0.10 7.03
CA LYS A 445 -28.98 0.73 8.08
C LYS A 445 -29.87 -0.31 8.76
N GLY A 446 -29.74 -0.43 10.07
CA GLY A 446 -30.54 -1.40 10.80
C GLY A 446 -30.10 -2.84 10.67
N VAL A 447 -28.92 -3.08 10.11
CA VAL A 447 -28.42 -4.42 9.82
C VAL A 447 -26.98 -4.51 10.29
N ASP A 448 -26.63 -5.59 10.97
CA ASP A 448 -25.27 -5.79 11.49
C ASP A 448 -24.52 -6.88 10.75
N THR A 449 -25.19 -7.97 10.38
CA THR A 449 -24.52 -9.14 9.81
C THR A 449 -25.32 -9.67 8.63
N VAL A 450 -24.61 -10.37 7.75
CA VAL A 450 -25.19 -11.15 6.68
C VAL A 450 -24.69 -12.58 6.81
N SER A 451 -25.60 -13.54 6.75
CA SER A 451 -25.25 -14.96 6.78
C SER A 451 -25.47 -15.55 5.40
N VAL A 452 -24.50 -16.36 4.97
CA VAL A 452 -24.58 -17.09 3.73
C VAL A 452 -24.10 -18.51 4.04
N GLY A 453 -25.00 -19.47 3.90
CA GLY A 453 -24.73 -20.81 4.41
C GLY A 453 -24.32 -20.76 5.86
N ASN A 454 -23.13 -21.30 6.13
CA ASN A 454 -22.59 -21.37 7.48
C ASN A 454 -21.63 -20.22 7.80
N THR A 455 -21.60 -19.16 7.01
CA THR A 455 -20.60 -18.10 7.13
C THR A 455 -21.25 -16.78 7.48
N LEU A 456 -20.67 -16.09 8.45
CA LEU A 456 -21.18 -14.83 8.97
C LEU A 456 -20.30 -13.68 8.48
N TYR A 457 -20.89 -12.75 7.74
CA TYR A 457 -20.20 -11.55 7.26
C TYR A 457 -20.71 -10.32 8.00
N TYR A 458 -19.83 -9.37 8.27
CA TYR A 458 -20.19 -8.18 9.03
C TYR A 458 -20.24 -6.99 8.10
N VAL A 459 -21.41 -6.35 8.01
CA VAL A 459 -21.57 -5.16 7.20
C VAL A 459 -20.81 -4.01 7.84
N ASN A 460 -20.39 -3.03 7.01
CA ASN A 460 -19.77 -1.83 7.56
C ASN A 460 -20.83 -0.94 8.18
N LYS A 461 -20.42 -0.18 9.18
CA LYS A 461 -21.37 0.56 10.00
C LYS A 461 -21.34 2.07 9.75
N LEU A 462 -20.92 2.48 8.55
CA LEU A 462 -20.88 3.90 8.19
C LEU A 462 -22.18 4.33 7.53
N GLU A 463 -22.68 5.50 7.91
CA GLU A 463 -23.94 6.02 7.38
C GLU A 463 -23.72 6.74 6.05
N GLY A 464 -24.63 6.51 5.12
CA GLY A 464 -24.54 7.11 3.81
C GLY A 464 -25.88 7.06 3.11
N LYS A 465 -25.88 7.41 1.83
CA LYS A 465 -27.09 7.36 1.02
C LYS A 465 -27.06 6.10 0.16
N ASN A 466 -28.03 5.22 0.35
CA ASN A 466 -28.15 4.01 -0.46
C ASN A 466 -29.23 4.21 -1.51
N LEU A 467 -29.03 3.59 -2.67
CA LEU A 467 -30.02 3.66 -3.73
C LEU A 467 -30.05 2.32 -4.46
N TYR A 468 -31.27 1.82 -4.69
CA TYR A 468 -31.50 0.53 -5.32
C TYR A 468 -32.10 0.77 -6.71
N VAL A 469 -31.33 0.49 -7.75
CA VAL A 469 -31.77 0.69 -9.13
C VAL A 469 -32.34 -0.63 -9.63
N LYS A 470 -33.67 -0.75 -9.59
CA LYS A 470 -34.35 -1.93 -10.09
C LYS A 470 -34.14 -2.11 -11.59
N GLY A 471 -34.25 -3.35 -12.03
CA GLY A 471 -34.14 -3.66 -13.45
C GLY A 471 -34.02 -5.15 -13.64
N GLU A 472 -34.18 -5.57 -14.89
CA GLU A 472 -34.21 -7.03 -14.98
C GLU A 472 -32.79 -7.59 -15.06
N PRO A 473 -32.50 -8.67 -14.32
CA PRO A 473 -31.20 -9.35 -14.45
C PRO A 473 -30.89 -9.70 -15.89
N ILE A 474 -29.74 -9.23 -16.41
CA ILE A 474 -29.49 -9.42 -17.83
C ILE A 474 -29.30 -10.88 -18.19
N ILE A 475 -29.09 -11.76 -17.21
CA ILE A 475 -28.93 -13.18 -17.53
C ILE A 475 -30.20 -13.73 -18.13
N ASN A 476 -31.35 -13.12 -17.81
CA ASN A 476 -32.63 -13.58 -18.34
C ASN A 476 -32.78 -13.32 -19.83
N TYR A 477 -31.97 -12.42 -20.40
CA TYR A 477 -32.05 -12.12 -21.82
C TYR A 477 -31.40 -13.18 -22.70
N TYR A 478 -30.67 -14.14 -22.12
CA TYR A 478 -29.88 -15.08 -22.88
C TYR A 478 -30.56 -16.44 -22.95
N ASP A 479 -30.70 -16.98 -24.15
CA ASP A 479 -31.20 -18.34 -24.36
C ASP A 479 -30.15 -19.35 -23.92
N PRO A 480 -30.43 -20.19 -22.91
CA PRO A 480 -29.38 -21.10 -22.40
C PRO A 480 -28.92 -22.16 -23.39
N LEU A 481 -29.68 -22.45 -24.44
CA LEU A 481 -29.23 -23.46 -25.39
C LEU A 481 -28.09 -22.98 -26.27
N VAL A 482 -27.89 -21.67 -26.37
CA VAL A 482 -26.78 -21.11 -27.14
C VAL A 482 -26.12 -20.03 -26.30
N PHE A 483 -25.63 -20.40 -25.13
CA PHE A 483 -24.95 -19.47 -24.24
C PHE A 483 -23.53 -19.95 -23.99
N PRO A 484 -22.50 -19.20 -24.41
CA PRO A 484 -21.12 -19.65 -24.17
C PRO A 484 -20.79 -19.61 -22.68
N SER A 485 -20.91 -20.75 -22.01
CA SER A 485 -21.00 -20.77 -20.55
C SER A 485 -19.67 -21.07 -19.86
N ASP A 486 -18.54 -20.77 -20.49
CA ASP A 486 -17.25 -20.90 -19.80
C ASP A 486 -16.26 -19.89 -20.38
N GLU A 487 -16.65 -18.62 -20.40
CA GLU A 487 -15.79 -17.56 -20.88
C GLU A 487 -14.95 -17.04 -19.72
N PHE A 488 -13.64 -17.23 -19.80
CA PHE A 488 -12.76 -16.77 -18.73
C PHE A 488 -12.68 -15.25 -18.70
N ASP A 489 -12.48 -14.62 -19.86
CA ASP A 489 -12.27 -13.18 -19.95
C ASP A 489 -12.91 -12.69 -21.26
N ALA A 490 -14.22 -12.42 -21.20
CA ALA A 490 -14.91 -11.95 -22.39
C ALA A 490 -15.53 -10.58 -22.14
N SER A 491 -16.58 -10.26 -22.89
CA SER A 491 -17.24 -8.97 -22.84
C SER A 491 -18.62 -9.13 -23.44
N ILE A 492 -19.41 -8.06 -23.38
CA ILE A 492 -20.80 -8.16 -23.80
C ILE A 492 -20.91 -8.49 -25.29
N SER A 493 -20.19 -7.75 -26.13
CA SER A 493 -20.30 -7.98 -27.56
C SER A 493 -19.50 -9.18 -28.02
N GLN A 494 -18.68 -9.76 -27.15
CA GLN A 494 -17.99 -10.99 -27.50
C GLN A 494 -18.86 -12.20 -27.25
N VAL A 495 -19.75 -12.12 -26.25
CA VAL A 495 -20.80 -13.11 -26.05
C VAL A 495 -21.87 -12.97 -27.13
N ASN A 496 -22.10 -11.74 -27.63
CA ASN A 496 -23.07 -11.56 -28.71
C ASN A 496 -22.58 -12.17 -30.02
N GLU A 497 -21.33 -11.88 -30.40
CA GLU A 497 -20.83 -12.42 -31.65
C GLU A 497 -20.58 -13.92 -31.56
N LYS A 498 -20.33 -14.44 -30.35
CA LYS A 498 -20.21 -15.88 -30.19
C LYS A 498 -21.55 -16.58 -30.34
N ILE A 499 -22.63 -15.91 -29.90
CA ILE A 499 -23.99 -16.43 -30.07
C ILE A 499 -24.44 -16.31 -31.52
N ASN A 500 -24.10 -15.20 -32.18
CA ASN A 500 -24.44 -15.01 -33.59
C ASN A 500 -23.87 -16.12 -34.47
N GLN A 501 -22.73 -16.69 -34.10
CA GLN A 501 -22.22 -17.83 -34.85
C GLN A 501 -23.10 -19.05 -34.66
N SER A 502 -23.41 -19.40 -33.40
CA SER A 502 -24.22 -20.58 -33.13
C SER A 502 -25.59 -20.49 -33.80
N LEU A 503 -26.20 -19.30 -33.78
CA LEU A 503 -27.54 -19.15 -34.34
C LEU A 503 -27.56 -19.25 -35.86
N ALA A 504 -26.42 -18.98 -36.51
CA ALA A 504 -26.33 -19.17 -37.95
C ALA A 504 -25.99 -20.60 -38.32
N PHE A 505 -25.27 -21.31 -37.45
CA PHE A 505 -25.05 -22.74 -37.64
C PHE A 505 -26.37 -23.49 -37.81
N ILE A 506 -27.45 -22.96 -37.24
CA ILE A 506 -28.76 -23.59 -37.31
C ILE A 506 -29.37 -23.49 -38.70
#